data_7NAZ
#
_entry.id   7NAZ
#
_cell.length_a   159.001
_cell.length_b   159.001
_cell.length_c   43.364
_cell.angle_alpha   90.00
_cell.angle_beta   90.00
_cell.angle_gamma   120.00
#
_symmetry.space_group_name_H-M   'H 3'
#
loop_
_entity.id
_entity.type
_entity.pdbx_description
1 polymer 'ESX-3 secretion system protein EccA3'
2 non-polymer '1,4-DIETHYLENE DIOXIDE'
3 non-polymer 'SULFATE ION'
4 non-polymer GLYCEROL
5 water water
#
_entity_poly.entity_id   1
_entity_poly.type   'polypeptide(L)'
_entity_poly.pdbx_seq_one_letter_code
;MGSDTLAAPPHGAPRVDRDMVSRFATCCRALGLTVNDRQRPADLTAARAGFAGLTHLAHDQCDAWIGLAAAGEVTPAVVD
AVWRTVASAGVLQREIGLAAGELGFTYDTGWYLQFRATEPDDFQLAYAARLYEAGEFGEADGLVGEILARRPGWFDARWL
QVAINHRAQRWSDVVRLLTPVVTLPSLDDVTSHAVRTALGISLARLGMFAPAMSYLEDPAGPIEVAAVDGALAKALTLRA
QGEDDEATEVLQDLFATHPENTQVEQALLDTSFGLVTTTSARIEARSDPWDPETEPSEAE
;
_entity_poly.pdbx_strand_id   A
#
loop_
_chem_comp.id
_chem_comp.type
_chem_comp.name
_chem_comp.formula
DIO non-polymer '1,4-DIETHYLENE DIOXIDE' 'C4 H8 O2'
GOL non-polymer GLYCEROL 'C3 H8 O3'
SO4 non-polymer 'SULFATE ION' 'O4 S -2'
#
# COMPACT_ATOMS: atom_id res chain seq x y z
N MET A 20 -2.84 21.60 -27.60
CA MET A 20 -2.65 20.82 -26.32
C MET A 20 -3.92 20.74 -25.45
N VAL A 21 -4.56 21.88 -25.19
CA VAL A 21 -5.79 21.92 -24.40
C VAL A 21 -6.93 21.09 -25.04
N SER A 22 -7.15 21.23 -26.35
CA SER A 22 -8.15 20.40 -27.06
C SER A 22 -7.84 18.92 -26.95
N ARG A 23 -6.56 18.56 -27.11
CA ARG A 23 -6.19 17.16 -26.99
C ARG A 23 -6.48 16.66 -25.57
N PHE A 24 -6.14 17.49 -24.57
CA PHE A 24 -6.32 17.10 -23.18
C PHE A 24 -7.82 16.89 -22.88
N ALA A 25 -8.66 17.77 -23.42
CA ALA A 25 -10.10 17.71 -23.18
C ALA A 25 -10.64 16.39 -23.75
N THR A 26 -10.15 16.04 -24.94
CA THR A 26 -10.60 14.88 -25.66
C THR A 26 -10.20 13.59 -24.93
N CYS A 27 -8.95 13.57 -24.46
CA CYS A 27 -8.44 12.45 -23.66
C CYS A 27 -9.24 12.31 -22.35
N CYS A 28 -9.54 13.42 -21.68
CA CYS A 28 -10.40 13.40 -20.50
C CYS A 28 -11.80 12.83 -20.76
N ARG A 29 -12.40 13.18 -21.91
CA ARG A 29 -13.69 12.63 -22.25
C ARG A 29 -13.64 11.10 -22.46
N ALA A 30 -12.50 10.59 -22.96
CA ALA A 30 -12.29 9.15 -23.09
C ALA A 30 -12.23 8.40 -21.74
N LEU A 31 -11.96 9.15 -20.66
CA LEU A 31 -12.04 8.62 -19.30
C LEU A 31 -13.46 8.54 -18.80
N GLY A 32 -14.41 9.14 -19.53
CA GLY A 32 -15.81 9.20 -19.12
C GLY A 32 -16.18 10.45 -18.33
N LEU A 33 -15.25 11.40 -18.23
CA LEU A 33 -15.49 12.67 -17.55
C LEU A 33 -16.29 13.61 -18.44
N THR A 34 -17.17 14.39 -17.81
CA THR A 34 -17.88 15.47 -18.47
C THR A 34 -16.92 16.62 -18.61
N VAL A 35 -16.82 17.13 -19.84
CA VAL A 35 -15.98 18.27 -20.18
C VAL A 35 -16.77 19.18 -21.10
N ASN A 36 -16.87 20.46 -20.72
CA ASN A 36 -17.61 21.47 -21.46
C ASN A 36 -19.02 20.93 -21.78
N ASP A 37 -19.65 20.32 -20.77
CA ASP A 37 -21.01 19.77 -20.84
C ASP A 37 -21.20 18.71 -21.91
N ARG A 38 -20.14 17.95 -22.21
CA ARG A 38 -20.19 16.84 -23.15
C ARG A 38 -19.57 15.64 -22.45
N GLN A 39 -20.22 14.48 -22.60
CA GLN A 39 -19.81 13.24 -21.95
C GLN A 39 -20.03 12.10 -22.92
N ARG A 40 -19.18 11.07 -22.82
CA ARG A 40 -19.35 9.84 -23.57
C ARG A 40 -18.97 8.68 -22.66
N PRO A 41 -19.39 7.44 -22.98
CA PRO A 41 -18.93 6.25 -22.26
C PRO A 41 -17.42 6.13 -22.29
N ALA A 42 -16.82 5.77 -21.15
CA ALA A 42 -15.38 5.66 -21.06
C ALA A 42 -14.85 4.58 -22.02
N ASP A 43 -13.63 4.79 -22.53
CA ASP A 43 -12.90 3.81 -23.33
C ASP A 43 -11.48 3.91 -22.82
N LEU A 44 -11.15 3.09 -21.81
CA LEU A 44 -9.89 3.27 -21.08
C LEU A 44 -8.67 2.87 -21.93
N THR A 45 -8.86 1.94 -22.86
CA THR A 45 -7.79 1.57 -23.78
C THR A 45 -7.42 2.79 -24.63
N ALA A 46 -8.44 3.46 -25.16
CA ALA A 46 -8.22 4.67 -25.94
C ALA A 46 -7.66 5.80 -25.07
N ALA A 47 -8.18 5.95 -23.85
CA ALA A 47 -7.70 6.99 -22.94
C ALA A 47 -6.23 6.78 -22.63
N ARG A 48 -5.82 5.51 -22.38
CA ARG A 48 -4.40 5.22 -22.14
C ARG A 48 -3.51 5.59 -23.33
N ALA A 49 -3.91 5.18 -24.53
CA ALA A 49 -3.13 5.50 -25.72
C ALA A 49 -3.10 7.01 -25.95
N GLY A 50 -4.23 7.67 -25.71
CA GLY A 50 -4.38 9.10 -25.94
C GLY A 50 -3.47 9.90 -25.03
N PHE A 51 -3.59 9.64 -23.72
CA PHE A 51 -2.73 10.33 -22.76
C PHE A 51 -1.26 10.00 -22.96
N ALA A 52 -0.94 8.75 -23.31
CA ALA A 52 0.45 8.40 -23.61
C ALA A 52 1.03 9.27 -24.72
N GLY A 53 0.27 9.44 -25.80
CA GLY A 53 0.69 10.29 -26.90
C GLY A 53 0.85 11.72 -26.44
N LEU A 54 -0.08 12.16 -25.59
CA LEU A 54 -0.07 13.52 -25.12
C LEU A 54 1.18 13.82 -24.26
N THR A 55 1.70 12.79 -23.57
CA THR A 55 2.96 12.96 -22.79
C THR A 55 4.20 13.21 -23.69
N HIS A 56 4.11 12.84 -24.97
CA HIS A 56 5.20 13.17 -25.92
C HIS A 56 5.14 14.65 -26.30
N LEU A 57 3.93 15.19 -26.52
CA LEU A 57 3.77 16.62 -26.78
C LEU A 57 4.09 17.46 -25.56
N ALA A 58 3.48 17.09 -24.43
CA ALA A 58 3.49 17.88 -23.19
C ALA A 58 4.15 17.06 -22.08
N HIS A 59 5.44 16.76 -22.28
CA HIS A 59 6.25 15.91 -21.42
C HIS A 59 6.39 16.49 -20.01
N ASP A 60 6.29 17.82 -19.89
CA ASP A 60 6.41 18.50 -18.61
C ASP A 60 5.09 18.91 -17.99
N GLN A 61 3.97 18.51 -18.60
CA GLN A 61 2.62 18.78 -18.05
C GLN A 61 2.14 17.62 -17.15
N CYS A 62 2.07 17.89 -15.85
CA CYS A 62 1.66 16.93 -14.84
C CYS A 62 0.32 16.30 -15.22
N ASP A 63 -0.60 17.10 -15.74
CA ASP A 63 -1.96 16.61 -15.99
C ASP A 63 -2.02 15.50 -17.10
N ALA A 64 -1.07 15.52 -18.02
CA ALA A 64 -0.99 14.52 -19.04
C ALA A 64 -0.62 13.19 -18.37
N TRP A 65 0.33 13.24 -17.46
CA TRP A 65 0.75 12.03 -16.72
C TRP A 65 -0.32 11.55 -15.75
N ILE A 66 -0.98 12.48 -15.05
CA ILE A 66 -2.09 12.13 -14.19
C ILE A 66 -3.18 11.41 -14.97
N GLY A 67 -3.49 11.96 -16.17
CA GLY A 67 -4.44 11.34 -17.06
C GLY A 67 -4.07 9.90 -17.46
N LEU A 68 -2.82 9.70 -17.83
CA LEU A 68 -2.35 8.38 -18.18
C LEU A 68 -2.52 7.41 -17.01
N ALA A 69 -2.21 7.86 -15.79
CA ALA A 69 -2.41 7.05 -14.61
C ALA A 69 -3.89 6.81 -14.37
N ALA A 70 -4.71 7.85 -14.58
CA ALA A 70 -6.16 7.79 -14.38
C ALA A 70 -6.78 6.72 -15.30
N ALA A 71 -6.18 6.56 -16.48
CA ALA A 71 -6.64 5.62 -17.51
C ALA A 71 -6.18 4.21 -17.22
N GLY A 72 -5.35 4.04 -16.18
CA GLY A 72 -4.97 2.75 -15.67
C GLY A 72 -3.49 2.38 -15.77
N GLU A 73 -2.67 3.25 -16.36
CA GLU A 73 -1.24 3.00 -16.49
CA GLU A 73 -1.24 3.01 -16.51
C GLU A 73 -0.49 3.61 -15.30
N VAL A 74 -0.55 2.93 -14.16
CA VAL A 74 0.04 3.43 -12.91
C VAL A 74 1.32 2.66 -12.66
N THR A 75 2.30 2.93 -13.50
CA THR A 75 3.60 2.32 -13.48
C THR A 75 4.59 3.20 -12.72
N PRO A 76 5.74 2.65 -12.29
CA PRO A 76 6.77 3.47 -11.65
C PRO A 76 7.19 4.65 -12.52
N ALA A 77 7.30 4.45 -13.85
CA ALA A 77 7.66 5.55 -14.74
C ALA A 77 6.61 6.67 -14.67
N VAL A 78 5.32 6.29 -14.65
CA VAL A 78 4.26 7.30 -14.65
C VAL A 78 4.24 8.05 -13.31
N VAL A 79 4.36 7.31 -12.21
CA VAL A 79 4.40 7.89 -10.85
C VAL A 79 5.61 8.83 -10.73
N ASP A 80 6.77 8.43 -11.27
CA ASP A 80 7.96 9.25 -11.32
C ASP A 80 7.68 10.58 -12.04
N ALA A 81 6.98 10.46 -13.19
CA ALA A 81 6.74 11.62 -14.04
C ALA A 81 5.73 12.59 -13.40
N VAL A 82 4.69 12.07 -12.76
CA VAL A 82 3.73 12.86 -12.07
C VAL A 82 4.47 13.69 -11.04
N TRP A 83 5.33 13.05 -10.25
CA TRP A 83 6.11 13.76 -9.26
C TRP A 83 7.06 14.80 -9.86
N ARG A 84 7.83 14.39 -10.87
CA ARG A 84 8.76 15.26 -11.57
C ARG A 84 8.10 16.57 -12.04
N THR A 85 6.86 16.46 -12.51
CA THR A 85 6.15 17.56 -13.14
C THR A 85 5.10 18.22 -12.20
N VAL A 86 5.15 17.91 -10.89
CA VAL A 86 4.09 18.26 -9.94
C VAL A 86 3.80 19.78 -9.89
N ALA A 87 4.78 20.60 -10.27
CA ALA A 87 4.54 22.07 -10.30
C ALA A 87 3.31 22.44 -11.13
N SER A 88 3.04 21.66 -12.18
CA SER A 88 1.96 21.97 -13.10
C SER A 88 0.67 21.19 -12.84
N ALA A 89 0.59 20.46 -11.72
CA ALA A 89 -0.63 19.78 -11.36
C ALA A 89 -1.85 20.68 -11.45
N GLY A 90 -2.85 20.26 -12.23
CA GLY A 90 -4.10 20.96 -12.31
C GLY A 90 -4.14 22.08 -13.34
N VAL A 91 -3.01 22.38 -13.99
CA VAL A 91 -2.97 23.48 -14.95
C VAL A 91 -3.89 23.23 -16.15
N LEU A 92 -3.79 22.03 -16.72
CA LEU A 92 -4.66 21.69 -17.85
C LEU A 92 -6.11 21.44 -17.40
N GLN A 93 -6.29 20.84 -16.21
CA GLN A 93 -7.59 20.64 -15.60
C GLN A 93 -8.37 21.94 -15.53
N ARG A 94 -7.70 22.98 -15.05
CA ARG A 94 -8.31 24.29 -14.93
C ARG A 94 -8.62 24.90 -16.32
N GLU A 95 -7.72 24.73 -17.29
CA GLU A 95 -7.97 25.18 -18.67
C GLU A 95 -9.27 24.60 -19.23
N ILE A 96 -9.58 23.34 -18.90
CA ILE A 96 -10.77 22.68 -19.46
C ILE A 96 -11.99 22.70 -18.56
N GLY A 97 -11.84 23.31 -17.37
CA GLY A 97 -12.94 23.49 -16.44
C GLY A 97 -13.35 22.28 -15.61
N LEU A 98 -12.42 21.35 -15.37
CA LEU A 98 -12.71 20.18 -14.55
C LEU A 98 -12.78 20.60 -13.12
N ALA A 99 -13.79 20.10 -12.41
CA ALA A 99 -13.89 20.31 -10.98
C ALA A 99 -12.76 19.52 -10.27
N ALA A 100 -12.32 20.04 -9.12
CA ALA A 100 -11.29 19.38 -8.34
C ALA A 100 -11.73 17.98 -7.96
N GLY A 101 -10.80 17.03 -8.06
CA GLY A 101 -11.04 15.66 -7.66
C GLY A 101 -11.58 14.75 -8.74
N GLU A 102 -11.99 15.30 -9.88
CA GLU A 102 -12.47 14.48 -10.96
C GLU A 102 -11.39 13.61 -11.62
N LEU A 103 -10.22 14.22 -11.82
CA LEU A 103 -9.09 13.54 -12.44
C LEU A 103 -8.18 13.04 -11.37
N GLY A 104 -8.06 11.72 -11.30
CA GLY A 104 -7.21 11.11 -10.30
C GLY A 104 -6.87 9.69 -10.65
N PHE A 105 -5.93 9.11 -9.91
CA PHE A 105 -5.55 7.72 -10.15
C PHE A 105 -5.46 6.95 -8.87
N THR A 106 -5.49 5.62 -9.01
CA THR A 106 -5.37 4.73 -7.85
C THR A 106 -3.98 4.20 -7.78
N TYR A 107 -3.35 4.26 -6.59
CA TYR A 107 -2.02 3.76 -6.42
C TYR A 107 -1.98 2.79 -5.22
N ASP A 108 -1.04 1.88 -5.36
CA ASP A 108 -0.84 0.83 -4.34
C ASP A 108 0.09 1.35 -3.26
N THR A 109 -0.36 1.26 -2.03
CA THR A 109 0.50 1.61 -0.88
C THR A 109 1.63 0.61 -0.62
N GLY A 110 1.48 -0.60 -1.16
CA GLY A 110 2.43 -1.66 -0.96
C GLY A 110 2.08 -2.56 0.20
N TRP A 111 1.01 -2.23 0.95
CA TRP A 111 0.47 -3.12 1.96
C TRP A 111 -1.01 -2.95 2.10
N TYR A 112 -1.74 -3.89 1.45
CA TYR A 112 -3.20 -4.03 1.53
C TYR A 112 -4.02 -2.98 0.84
N LEU A 113 -3.73 -1.72 1.13
CA LEU A 113 -4.58 -0.61 0.70
C LEU A 113 -4.12 0.07 -0.56
N GLN A 114 -5.14 0.48 -1.34
CA GLN A 114 -4.93 1.34 -2.46
C GLN A 114 -5.63 2.66 -2.17
N PHE A 115 -4.97 3.76 -2.54
CA PHE A 115 -5.51 5.11 -2.32
C PHE A 115 -5.74 5.82 -3.63
N ARG A 116 -6.63 6.82 -3.60
CA ARG A 116 -6.88 7.66 -4.76
C ARG A 116 -6.10 8.96 -4.66
N ALA A 117 -5.34 9.28 -5.71
CA ALA A 117 -4.48 10.45 -5.79
C ALA A 117 -5.05 11.49 -6.73
N THR A 118 -5.27 12.71 -6.20
CA THR A 118 -5.73 13.83 -7.01
C THR A 118 -4.91 15.13 -6.80
N GLU A 119 -4.15 15.20 -5.69
CA GLU A 119 -3.48 16.43 -5.27
C GLU A 119 -1.99 16.14 -5.04
N PRO A 120 -1.12 17.18 -5.05
CA PRO A 120 0.32 17.00 -4.80
C PRO A 120 0.67 16.06 -3.64
N ASP A 121 0.01 16.24 -2.49
CA ASP A 121 0.37 15.39 -1.33
C ASP A 121 0.09 13.91 -1.62
N ASP A 122 -0.96 13.63 -2.38
CA ASP A 122 -1.22 12.25 -2.78
C ASP A 122 -0.08 11.74 -3.70
N PHE A 123 0.34 12.58 -4.65
CA PHE A 123 1.44 12.24 -5.54
C PHE A 123 2.72 11.97 -4.77
N GLN A 124 2.92 12.75 -3.72
CA GLN A 124 4.08 12.59 -2.85
C GLN A 124 4.07 11.22 -2.19
N LEU A 125 2.90 10.80 -1.69
CA LEU A 125 2.77 9.47 -1.08
C LEU A 125 2.97 8.38 -2.12
N ALA A 126 2.43 8.57 -3.34
CA ALA A 126 2.56 7.55 -4.37
C ALA A 126 4.03 7.42 -4.73
N TYR A 127 4.74 8.55 -4.77
CA TYR A 127 6.16 8.50 -5.05
C TYR A 127 6.95 7.84 -3.91
N ALA A 128 6.57 8.14 -2.67
CA ALA A 128 7.18 7.52 -1.49
C ALA A 128 7.00 5.99 -1.58
N ALA A 129 5.80 5.55 -2.02
CA ALA A 129 5.53 4.12 -2.17
C ALA A 129 6.47 3.52 -3.22
N ARG A 130 6.58 4.19 -4.36
CA ARG A 130 7.50 3.80 -5.40
C ARG A 130 8.95 3.69 -4.86
N LEU A 131 9.35 4.72 -4.10
CA LEU A 131 10.72 4.78 -3.61
C LEU A 131 11.03 3.58 -2.67
N TYR A 132 10.15 3.29 -1.73
CA TYR A 132 10.49 2.28 -0.72
C TYR A 132 10.46 0.92 -1.39
N GLU A 133 9.56 0.74 -2.37
CA GLU A 133 9.54 -0.51 -3.09
C GLU A 133 10.86 -0.73 -3.85
N ALA A 134 11.50 0.36 -4.25
CA ALA A 134 12.78 0.36 -4.93
C ALA A 134 13.98 0.34 -3.99
N GLY A 135 13.70 0.29 -2.69
CA GLY A 135 14.76 0.25 -1.67
C GLY A 135 15.24 1.58 -1.13
N GLU A 136 14.61 2.67 -1.57
CA GLU A 136 14.95 4.01 -1.10
C GLU A 136 14.12 4.36 0.11
N PHE A 137 14.40 3.66 1.22
CA PHE A 137 13.58 3.80 2.39
C PHE A 137 13.73 5.17 3.04
N GLY A 138 14.95 5.68 3.08
CA GLY A 138 15.22 6.92 3.80
C GLY A 138 14.54 8.12 3.12
N GLU A 139 14.62 8.14 1.78
CA GLU A 139 13.97 9.21 1.01
C GLU A 139 12.46 9.08 1.20
N ALA A 140 11.93 7.85 1.07
CA ALA A 140 10.51 7.62 1.30
C ALA A 140 10.03 8.12 2.66
N ASP A 141 10.76 7.71 3.72
CA ASP A 141 10.38 8.05 5.05
C ASP A 141 10.41 9.57 5.24
N GLY A 142 11.40 10.22 4.64
CA GLY A 142 11.52 11.68 4.72
C GLY A 142 10.32 12.43 4.07
N LEU A 143 9.88 11.91 2.92
CA LEU A 143 8.75 12.53 2.24
C LEU A 143 7.48 12.36 3.05
N VAL A 144 7.28 11.17 3.62
CA VAL A 144 6.08 10.93 4.40
C VAL A 144 6.12 11.76 5.70
N GLY A 145 7.30 11.87 6.28
CA GLY A 145 7.46 12.63 7.51
C GLY A 145 7.19 14.10 7.29
N GLU A 146 7.60 14.58 6.12
CA GLU A 146 7.35 15.99 5.76
C GLU A 146 5.83 16.22 5.81
N ILE A 147 5.08 15.33 5.15
CA ILE A 147 3.64 15.41 5.21
C ILE A 147 3.06 15.34 6.61
N LEU A 148 3.55 14.39 7.43
CA LEU A 148 2.96 14.18 8.70
C LEU A 148 3.26 15.36 9.65
N ALA A 149 4.28 16.16 9.34
CA ALA A 149 4.55 17.39 10.14
C ALA A 149 3.44 18.44 9.95
N ARG A 150 2.80 18.41 8.77
CA ARG A 150 1.72 19.33 8.35
C ARG A 150 0.34 18.74 8.56
N ARG A 151 0.24 17.41 8.34
CA ARG A 151 -1.03 16.70 8.36
C ARG A 151 -0.89 15.45 9.21
N PRO A 152 -0.65 15.59 10.53
CA PRO A 152 -0.38 14.42 11.36
C PRO A 152 -1.51 13.44 11.51
N GLY A 153 -2.75 13.90 11.28
CA GLY A 153 -3.94 13.08 11.37
C GLY A 153 -4.36 12.38 10.08
N TRP A 154 -3.62 12.61 9.02
CA TRP A 154 -4.06 12.16 7.68
C TRP A 154 -3.74 10.66 7.56
N PHE A 155 -4.78 9.85 7.57
CA PHE A 155 -4.65 8.38 7.53
C PHE A 155 -3.74 7.89 6.40
N ASP A 156 -3.90 8.42 5.17
CA ASP A 156 -3.09 7.94 4.04
C ASP A 156 -1.61 8.01 4.32
N ALA A 157 -1.17 9.12 4.93
CA ALA A 157 0.24 9.29 5.20
C ALA A 157 0.69 8.42 6.37
N ARG A 158 -0.17 8.27 7.36
CA ARG A 158 0.12 7.41 8.51
C ARG A 158 0.30 5.97 8.03
N TRP A 159 -0.55 5.56 7.10
CA TRP A 159 -0.45 4.21 6.54
C TRP A 159 0.81 4.05 5.69
N LEU A 160 1.12 5.07 4.91
CA LEU A 160 2.36 4.99 4.08
C LEU A 160 3.57 4.76 4.99
N GLN A 161 3.62 5.50 6.10
CA GLN A 161 4.74 5.31 7.04
C GLN A 161 4.79 3.85 7.53
N VAL A 162 3.64 3.34 7.92
CA VAL A 162 3.52 1.94 8.37
C VAL A 162 4.01 0.97 7.27
N ALA A 163 3.63 1.24 6.01
CA ALA A 163 4.01 0.36 4.89
C ALA A 163 5.51 0.38 4.63
N ILE A 164 6.12 1.56 4.80
CA ILE A 164 7.59 1.70 4.64
C ILE A 164 8.27 0.80 5.71
N ASN A 165 7.82 0.97 6.95
CA ASN A 165 8.38 0.19 8.07
C ASN A 165 8.16 -1.30 7.90
N HIS A 166 7.00 -1.67 7.36
CA HIS A 166 6.68 -3.07 7.06
C HIS A 166 7.71 -3.67 6.13
N ARG A 167 7.93 -3.03 4.99
CA ARG A 167 8.88 -3.54 4.01
C ARG A 167 10.31 -3.68 4.54
N ALA A 168 10.69 -2.77 5.45
CA ALA A 168 11.97 -2.84 6.14
C ALA A 168 11.97 -3.81 7.31
N GLN A 169 10.84 -4.49 7.54
CA GLN A 169 10.73 -5.50 8.61
C GLN A 169 10.92 -4.86 10.00
N ARG A 170 10.45 -3.62 10.13
CA ARG A 170 10.50 -2.90 11.40
C ARG A 170 9.21 -3.11 12.15
N TRP A 171 9.03 -4.34 12.66
CA TRP A 171 7.78 -4.75 13.22
C TRP A 171 7.36 -3.96 14.41
N SER A 172 8.34 -3.61 15.27
CA SER A 172 8.00 -2.81 16.42
C SER A 172 7.46 -1.43 16.09
N ASP A 173 8.01 -0.79 15.07
CA ASP A 173 7.44 0.49 14.59
C ASP A 173 6.03 0.35 14.06
N VAL A 174 5.75 -0.77 13.37
CA VAL A 174 4.40 -0.98 12.88
C VAL A 174 3.44 -1.06 14.07
N VAL A 175 3.80 -1.86 15.10
CA VAL A 175 2.92 -2.00 16.24
C VAL A 175 2.77 -0.62 16.91
N ARG A 176 3.88 0.07 17.14
CA ARG A 176 3.82 1.39 17.83
C ARG A 176 2.93 2.39 17.08
N LEU A 177 3.08 2.40 15.77
CA LEU A 177 2.31 3.33 14.93
C LEU A 177 0.83 2.97 14.86
N LEU A 178 0.53 1.67 14.80
CA LEU A 178 -0.86 1.24 14.74
C LEU A 178 -1.63 1.15 16.03
N THR A 179 -0.90 1.13 17.18
CA THR A 179 -1.53 1.12 18.47
C THR A 179 -2.62 2.19 18.62
N PRO A 180 -2.35 3.48 18.32
CA PRO A 180 -3.39 4.50 18.41
C PRO A 180 -4.34 4.59 17.19
N VAL A 181 -4.02 3.87 16.12
CA VAL A 181 -4.87 3.88 14.90
C VAL A 181 -6.02 2.86 15.03
N VAL A 182 -5.73 1.70 15.61
CA VAL A 182 -6.69 0.60 15.64
C VAL A 182 -7.93 0.94 16.49
N THR A 183 -7.80 1.89 17.42
CA THR A 183 -8.93 2.33 18.24
C THR A 183 -9.70 3.53 17.70
N LEU A 184 -9.30 4.05 16.54
CA LEU A 184 -9.94 5.27 16.00
C LEU A 184 -11.40 5.03 15.66
N PRO A 185 -12.30 6.02 15.87
CA PRO A 185 -13.70 5.86 15.47
C PRO A 185 -13.82 6.01 13.95
N SER A 186 -14.92 5.48 13.42
CA SER A 186 -15.30 5.76 12.05
C SER A 186 -14.23 5.33 10.98
N LEU A 187 -13.42 4.31 11.30
CA LEU A 187 -12.63 3.61 10.30
C LEU A 187 -13.60 2.75 9.55
N ASP A 188 -13.47 2.71 8.23
CA ASP A 188 -14.36 1.85 7.45
C ASP A 188 -13.87 0.40 7.49
N ASP A 189 -14.71 -0.52 6.99
CA ASP A 189 -14.43 -1.95 7.06
C ASP A 189 -13.13 -2.37 6.39
N VAL A 190 -12.82 -1.78 5.24
CA VAL A 190 -11.59 -2.03 4.51
C VAL A 190 -10.37 -1.56 5.33
N THR A 191 -10.41 -0.30 5.79
CA THR A 191 -9.31 0.25 6.55
C THR A 191 -9.07 -0.59 7.82
N SER A 192 -10.15 -0.91 8.53
CA SER A 192 -10.09 -1.69 9.74
C SER A 192 -9.44 -3.06 9.49
N HIS A 193 -9.79 -3.69 8.37
CA HIS A 193 -9.26 -4.99 8.07
C HIS A 193 -7.74 -4.90 7.86
N ALA A 194 -7.29 -3.88 7.14
CA ALA A 194 -5.88 -3.70 6.89
C ALA A 194 -5.13 -3.44 8.21
N VAL A 195 -5.67 -2.54 9.03
CA VAL A 195 -5.02 -2.18 10.28
C VAL A 195 -4.91 -3.37 11.21
N ARG A 196 -6.03 -4.09 11.40
N ARG A 196 -6.03 -4.09 11.40
CA ARG A 196 -6.03 -5.24 12.32
CA ARG A 196 -6.06 -5.28 12.27
C ARG A 196 -5.11 -6.37 11.83
C ARG A 196 -5.08 -6.34 11.82
N THR A 197 -5.08 -6.60 10.51
CA THR A 197 -4.22 -7.62 9.93
C THR A 197 -2.74 -7.27 10.11
N ALA A 198 -2.41 -6.00 9.84
CA ALA A 198 -1.03 -5.52 9.93
C ALA A 198 -0.55 -5.61 11.43
N LEU A 199 -1.44 -5.27 12.36
CA LEU A 199 -1.07 -5.22 13.79
C LEU A 199 -0.90 -6.68 14.25
N GLY A 200 -1.83 -7.55 13.84
CA GLY A 200 -1.72 -8.97 14.19
C GLY A 200 -0.44 -9.64 13.71
N ILE A 201 -0.13 -9.49 12.43
CA ILE A 201 1.10 -9.99 11.83
C ILE A 201 2.32 -9.47 12.55
N SER A 202 2.35 -8.14 12.80
CA SER A 202 3.50 -7.50 13.39
C SER A 202 3.73 -7.99 14.83
N LEU A 203 2.66 -8.17 15.59
CA LEU A 203 2.77 -8.74 16.91
C LEU A 203 3.35 -10.14 16.87
N ALA A 204 2.85 -10.96 15.96
CA ALA A 204 3.35 -12.29 15.82
C ALA A 204 4.85 -12.29 15.44
N ARG A 205 5.25 -11.35 14.58
CA ARG A 205 6.65 -11.23 14.18
C ARG A 205 7.56 -10.80 15.35
N LEU A 206 6.96 -10.25 16.40
CA LEU A 206 7.69 -9.90 17.64
C LEU A 206 7.57 -11.01 18.69
N GLY A 207 6.99 -12.16 18.32
CA GLY A 207 6.81 -13.24 19.25
C GLY A 207 5.71 -13.00 20.24
N MET A 208 4.88 -11.98 19.99
CA MET A 208 3.75 -11.64 20.85
C MET A 208 2.51 -12.36 20.32
N PHE A 209 2.48 -13.68 20.56
CA PHE A 209 1.52 -14.56 19.94
C PHE A 209 0.10 -14.44 20.47
N ALA A 210 -0.07 -14.35 21.79
CA ALA A 210 -1.41 -14.18 22.35
C ALA A 210 -2.00 -12.82 21.94
N PRO A 211 -1.25 -11.70 22.04
CA PRO A 211 -1.71 -10.46 21.43
C PRO A 211 -2.08 -10.58 19.95
N ALA A 212 -1.20 -11.20 19.16
CA ALA A 212 -1.51 -11.42 17.74
C ALA A 212 -2.84 -12.10 17.55
N MET A 213 -3.10 -13.16 18.33
CA MET A 213 -4.31 -13.93 18.19
C MET A 213 -5.58 -13.11 18.49
N SER A 214 -5.45 -12.05 19.26
CA SER A 214 -6.65 -11.21 19.51
C SER A 214 -7.11 -10.59 18.18
N TYR A 215 -6.18 -10.32 17.27
CA TYR A 215 -6.48 -9.76 15.94
C TYR A 215 -6.63 -10.82 14.84
N LEU A 216 -5.91 -11.93 14.97
CA LEU A 216 -5.84 -12.91 13.91
C LEU A 216 -6.79 -14.09 14.05
N GLU A 217 -7.42 -14.25 15.22
CA GLU A 217 -8.33 -15.39 15.49
C GLU A 217 -9.39 -15.51 14.36
N ASP A 218 -9.94 -14.37 13.95
CA ASP A 218 -10.87 -14.26 12.82
C ASP A 218 -10.26 -13.31 11.82
N PRO A 219 -9.48 -13.84 10.87
CA PRO A 219 -8.73 -13.01 9.92
C PRO A 219 -9.54 -12.59 8.70
N ALA A 220 -10.81 -13.02 8.60
CA ALA A 220 -11.68 -12.73 7.46
C ALA A 220 -11.99 -11.24 7.40
N GLY A 221 -12.25 -10.76 6.18
CA GLY A 221 -12.55 -9.38 5.96
C GLY A 221 -12.59 -9.05 4.47
N PRO A 222 -12.89 -7.77 4.13
CA PRO A 222 -13.10 -7.40 2.73
C PRO A 222 -11.86 -7.42 1.82
N ILE A 223 -10.66 -7.35 2.41
CA ILE A 223 -9.40 -7.35 1.65
C ILE A 223 -8.93 -8.79 1.54
N GLU A 224 -9.04 -9.34 0.33
CA GLU A 224 -8.69 -10.72 0.11
C GLU A 224 -7.24 -11.04 0.56
N VAL A 225 -6.27 -10.20 0.15
CA VAL A 225 -4.86 -10.47 0.43
C VAL A 225 -4.63 -10.42 1.95
N ALA A 226 -5.34 -9.52 2.65
CA ALA A 226 -5.20 -9.44 4.12
C ALA A 226 -5.80 -10.69 4.82
N ALA A 227 -6.90 -11.23 4.27
CA ALA A 227 -7.53 -12.42 4.82
C ALA A 227 -6.58 -13.61 4.68
N VAL A 228 -5.88 -13.70 3.55
CA VAL A 228 -4.91 -14.79 3.31
C VAL A 228 -3.71 -14.65 4.27
N ASP A 229 -3.14 -13.44 4.33
CA ASP A 229 -1.96 -13.19 5.20
C ASP A 229 -2.31 -13.41 6.66
N GLY A 230 -3.50 -12.98 7.05
CA GLY A 230 -4.00 -13.07 8.41
C GLY A 230 -4.17 -14.52 8.85
N ALA A 231 -4.76 -15.32 7.96
CA ALA A 231 -4.93 -16.76 8.21
C ALA A 231 -3.59 -17.50 8.26
N LEU A 232 -2.65 -17.17 7.36
CA LEU A 232 -1.33 -17.77 7.37
C LEU A 232 -0.61 -17.44 8.69
N ALA A 233 -0.67 -16.18 9.11
CA ALA A 233 -0.04 -15.79 10.35
C ALA A 233 -0.71 -16.42 11.56
N LYS A 234 -2.04 -16.54 11.51
CA LYS A 234 -2.79 -17.24 12.51
C LYS A 234 -2.28 -18.68 12.66
N ALA A 235 -2.13 -19.37 11.53
CA ALA A 235 -1.63 -20.74 11.57
C ALA A 235 -0.23 -20.83 12.17
N LEU A 236 0.67 -19.94 11.73
CA LEU A 236 2.04 -19.98 12.22
C LEU A 236 2.10 -19.63 13.69
N THR A 237 1.18 -18.78 14.15
CA THR A 237 1.09 -18.40 15.55
C THR A 237 0.65 -19.62 16.37
N LEU A 238 -0.38 -20.33 15.90
CA LEU A 238 -0.85 -21.55 16.57
C LEU A 238 0.27 -22.56 16.67
N ARG A 239 1.04 -22.70 15.58
CA ARG A 239 2.15 -23.65 15.54
C ARG A 239 3.17 -23.29 16.65
N ALA A 240 3.48 -21.99 16.76
CA ALA A 240 4.43 -21.52 17.78
C ALA A 240 3.93 -21.81 19.21
N GLN A 241 2.61 -21.83 19.39
CA GLN A 241 1.97 -22.12 20.65
C GLN A 241 1.78 -23.62 20.88
N GLY A 242 2.24 -24.43 19.94
CA GLY A 242 2.14 -25.88 20.05
C GLY A 242 0.80 -26.46 19.63
N GLU A 243 -0.02 -25.69 18.92
CA GLU A 243 -1.34 -26.13 18.51
C GLU A 243 -1.22 -26.61 17.08
N ASP A 244 -0.48 -27.71 16.90
CA ASP A 244 -0.07 -28.18 15.58
C ASP A 244 -1.24 -28.57 14.69
N ASP A 245 -2.19 -29.30 15.28
CA ASP A 245 -3.31 -29.83 14.49
C ASP A 245 -4.26 -28.68 14.10
N GLU A 246 -4.45 -27.71 15.00
CA GLU A 246 -5.25 -26.53 14.67
C GLU A 246 -4.59 -25.71 13.58
N ALA A 247 -3.26 -25.57 13.63
CA ALA A 247 -2.52 -24.87 12.59
C ALA A 247 -2.76 -25.54 11.22
N THR A 248 -2.61 -26.87 11.20
CA THR A 248 -2.84 -27.66 9.97
C THR A 248 -4.24 -27.44 9.41
N GLU A 249 -5.26 -27.40 10.27
CA GLU A 249 -6.63 -27.20 9.82
C GLU A 249 -6.78 -25.84 9.14
N VAL A 250 -6.25 -24.81 9.81
CA VAL A 250 -6.24 -23.48 9.27
C VAL A 250 -5.58 -23.45 7.90
N LEU A 251 -4.39 -24.02 7.79
CA LEU A 251 -3.63 -24.03 6.57
C LEU A 251 -4.32 -24.84 5.46
N GLN A 252 -4.94 -25.96 5.83
CA GLN A 252 -5.68 -26.76 4.84
C GLN A 252 -6.88 -26.01 4.29
N ASP A 253 -7.63 -25.36 5.18
CA ASP A 253 -8.77 -24.54 4.74
C ASP A 253 -8.29 -23.46 3.81
N LEU A 254 -7.20 -22.80 4.20
CA LEU A 254 -6.60 -21.73 3.40
C LEU A 254 -6.09 -22.23 2.02
N PHE A 255 -5.44 -23.41 2.00
CA PHE A 255 -4.85 -23.92 0.78
C PHE A 255 -5.93 -24.44 -0.17
N ALA A 256 -7.05 -24.90 0.39
CA ALA A 256 -8.17 -25.44 -0.40
C ALA A 256 -8.83 -24.29 -1.15
N THR A 257 -8.83 -23.09 -0.56
CA THR A 257 -9.40 -21.91 -1.21
C THR A 257 -8.38 -21.14 -2.04
N HIS A 258 -7.09 -21.42 -1.83
CA HIS A 258 -6.00 -20.73 -2.52
C HIS A 258 -4.96 -21.76 -2.95
N PRO A 259 -5.36 -22.71 -3.84
CA PRO A 259 -4.54 -23.87 -4.15
C PRO A 259 -3.24 -23.61 -4.91
N GLU A 260 -3.06 -22.37 -5.40
CA GLU A 260 -1.88 -21.97 -6.14
C GLU A 260 -0.91 -21.16 -5.29
N ASN A 261 -1.27 -20.96 -4.02
CA ASN A 261 -0.45 -20.14 -3.11
C ASN A 261 0.69 -20.94 -2.53
N THR A 262 1.91 -20.71 -3.02
CA THR A 262 3.05 -21.56 -2.70
C THR A 262 3.58 -21.27 -1.29
N GLN A 263 3.32 -20.07 -0.78
CA GLN A 263 3.65 -19.73 0.58
C GLN A 263 2.81 -20.56 1.57
N VAL A 264 1.51 -20.62 1.30
CA VAL A 264 0.59 -21.41 2.11
C VAL A 264 0.97 -22.89 2.00
N GLU A 265 1.19 -23.36 0.78
CA GLU A 265 1.67 -24.72 0.53
C GLU A 265 2.92 -25.07 1.35
N GLN A 266 3.92 -24.18 1.35
CA GLN A 266 5.17 -24.42 2.10
C GLN A 266 4.86 -24.70 3.57
N ALA A 267 4.05 -23.83 4.17
CA ALA A 267 3.73 -23.94 5.58
C ALA A 267 2.92 -25.19 5.88
N LEU A 268 1.97 -25.52 4.99
CA LEU A 268 1.13 -26.70 5.16
C LEU A 268 1.92 -28.03 5.06
N LEU A 269 2.91 -28.08 4.16
CA LEU A 269 3.67 -29.31 3.88
C LEU A 269 4.82 -29.53 4.86
N ASP A 270 5.38 -28.44 5.39
CA ASP A 270 6.51 -28.54 6.30
C ASP A 270 6.01 -28.12 7.67
N THR A 271 5.67 -29.11 8.49
CA THR A 271 5.06 -28.84 9.80
C THR A 271 6.04 -28.27 10.81
N SER A 272 7.32 -28.24 10.46
CA SER A 272 8.36 -27.61 11.29
C SER A 272 8.69 -26.14 10.87
N PHE A 273 8.12 -25.69 9.74
CA PHE A 273 8.26 -24.29 9.29
C PHE A 273 7.54 -23.39 10.26
N GLY A 274 8.28 -22.40 10.77
CA GLY A 274 7.75 -21.48 11.72
C GLY A 274 7.91 -20.06 11.25
N LEU A 275 7.19 -19.16 11.93
CA LEU A 275 7.33 -17.74 11.75
C LEU A 275 8.65 -17.29 12.39
N VAL A 276 9.51 -16.62 11.61
CA VAL A 276 10.76 -16.07 12.11
C VAL A 276 10.44 -14.76 12.86
N THR A 277 10.87 -14.67 14.13
CA THR A 277 10.52 -13.55 15.00
C THR A 277 11.74 -12.79 15.45
N THR A 278 11.50 -11.58 15.94
CA THR A 278 12.55 -10.74 16.45
C THR A 278 12.01 -9.95 17.63
N THR A 279 12.76 -8.92 18.03
CA THR A 279 12.40 -8.09 19.14
C THR A 279 12.67 -6.62 18.77
N SER A 280 12.04 -5.72 19.51
CA SER A 280 12.29 -4.29 19.40
C SER A 280 13.78 -3.96 19.60
N ALA A 281 14.40 -4.55 20.62
CA ALA A 281 15.79 -4.27 20.88
C ALA A 281 16.71 -4.68 19.73
N ARG A 282 16.44 -5.84 19.12
CA ARG A 282 17.25 -6.27 18.00
C ARG A 282 17.08 -5.35 16.79
N ILE A 283 15.83 -4.97 16.52
CA ILE A 283 15.57 -3.98 15.48
C ILE A 283 16.33 -2.68 15.71
N GLU A 284 16.31 -2.21 16.97
CA GLU A 284 16.88 -0.92 17.33
C GLU A 284 18.39 -0.94 17.23
N ALA A 285 18.97 -2.15 17.32
CA ALA A 285 20.39 -2.33 17.25
C ALA A 285 20.95 -2.44 15.85
N ARG A 286 20.10 -2.39 14.82
CA ARG A 286 20.60 -2.40 13.46
C ARG A 286 21.59 -1.27 13.29
N SER A 287 22.66 -1.50 12.53
CA SER A 287 23.56 -0.41 12.17
C SER A 287 22.97 0.46 11.05
N ASP A 288 22.14 -0.13 10.18
CA ASP A 288 21.37 0.59 9.15
C ASP A 288 19.91 0.34 9.47
N PRO A 289 19.14 1.36 9.92
CA PRO A 289 17.78 1.11 10.39
C PRO A 289 16.86 0.49 9.33
N TRP A 290 17.19 0.70 8.06
CA TRP A 290 16.37 0.22 6.95
C TRP A 290 16.75 -1.15 6.37
N ASP A 291 17.81 -1.75 6.90
CA ASP A 291 18.36 -2.99 6.34
C ASP A 291 18.28 -4.12 7.36
N PRO A 292 17.32 -5.05 7.19
CA PRO A 292 17.22 -6.21 8.07
C PRO A 292 18.50 -7.02 8.16
N GLU A 293 19.34 -6.97 7.13
CA GLU A 293 20.63 -7.69 7.16
C GLU A 293 21.59 -7.20 8.25
N THR A 294 21.37 -5.98 8.76
CA THR A 294 22.20 -5.43 9.81
C THR A 294 21.64 -5.66 11.20
N GLU A 295 20.55 -6.41 11.29
CA GLU A 295 19.86 -6.69 12.55
C GLU A 295 20.55 -7.88 13.20
N PRO A 296 21.04 -7.74 14.46
CA PRO A 296 21.64 -8.90 15.12
C PRO A 296 20.59 -9.98 15.37
N SER A 297 20.99 -11.24 15.24
CA SER A 297 20.12 -12.37 15.59
C SER A 297 20.02 -12.50 17.12
N GLU A 298 19.11 -13.38 17.58
CA GLU A 298 18.91 -13.64 19.01
C GLU A 298 20.24 -14.08 19.63
N ALA A 299 20.97 -14.95 18.92
CA ALA A 299 22.33 -15.38 19.33
C ALA A 299 23.33 -14.21 19.51
N GLU A 300 23.45 -13.36 18.48
CA GLU A 300 24.33 -12.18 18.53
C GLU A 300 23.89 -11.14 19.58
C1 DIO B . 1.91 -13.06 6.71
C2 DIO B . 3.54 -14.14 5.44
C1' DIO B . 2.79 -13.48 7.83
C2' DIO B . 3.97 -15.00 6.54
O1 DIO B . 2.17 -13.83 5.54
O1' DIO B . 3.16 -14.84 7.70
C1 DIO C . 13.30 13.47 1.42
C2 DIO C . 14.01 15.68 1.21
C1' DIO C . 12.27 14.01 2.32
C2' DIO C . 13.22 16.14 2.34
O1 DIO C . 14.42 14.34 1.40
O1' DIO C . 12.80 15.04 3.14
S SO4 D . -2.11 25.08 -26.36
O1 SO4 D . -1.47 24.13 -27.28
O2 SO4 D . -1.28 25.21 -25.18
O3 SO4 D . -2.23 26.37 -27.01
O4 SO4 D . -3.44 24.61 -25.99
S SO4 E . 12.01 0.52 -12.21
O1 SO4 E . 13.19 -0.13 -12.73
O2 SO4 E . 11.86 1.83 -12.80
O3 SO4 E . 12.11 0.62 -10.78
O4 SO4 E . 10.86 -0.30 -12.55
C1 GOL F . 9.45 -10.04 22.43
O1 GOL F . 9.62 -9.45 21.13
C2 GOL F . 9.52 -11.56 22.42
O2 GOL F . 10.68 -12.04 23.09
C3 GOL F . 8.32 -12.19 23.06
O3 GOL F . 8.74 -13.21 23.96
C1 DIO G . 20.31 -9.30 21.14
C2 DIO G . 21.21 -7.23 20.45
C1' DIO G . 19.36 -8.57 22.04
C2' DIO G . 20.24 -6.52 21.37
O1 DIO G . 20.69 -8.50 20.03
O1' DIO G . 19.91 -7.33 22.49
S SO4 H . 7.53 8.53 14.46
O1 SO4 H . 8.52 9.32 15.19
O2 SO4 H . 8.02 7.19 14.23
O3 SO4 H . 7.25 9.18 13.21
O4 SO4 H . 6.31 8.47 15.24
C1 DIO I . -1.65 -1.48 -23.39
C2 DIO I . -3.41 -2.89 -23.90
C1' DIO I . -2.56 -0.61 -22.62
C2' DIO I . -4.34 -2.02 -23.15
O1 DIO I . -2.10 -2.82 -23.35
O1' DIO I . -3.89 -0.67 -23.14
C1 DIO J . 13.80 6.05 -8.42
C2 DIO J . 16.00 6.01 -7.61
C1' DIO J . 13.60 4.65 -7.93
C2' DIO J . 15.82 4.59 -7.19
O1 DIO J . 14.76 6.72 -7.61
O1' DIO J . 14.83 3.93 -7.98
C1 GOL K . -1.12 -34.94 11.82
O1 GOL K . -2.52 -34.66 11.67
C2 GOL K . -0.23 -33.96 11.07
O2 GOL K . 0.86 -34.61 10.42
C3 GOL K . -0.91 -33.16 9.97
O3 GOL K . -0.06 -33.04 8.83
C1 GOL L . -11.26 5.30 7.42
O1 GOL L . -11.88 4.65 6.30
C2 GOL L . -10.74 6.69 7.07
O2 GOL L . -9.51 6.90 7.77
C3 GOL L . -10.53 6.92 5.60
O3 GOL L . -9.14 7.03 5.30
C1 GOL M . -3.26 -16.67 -3.96
O1 GOL M . -3.48 -16.45 -2.55
C2 GOL M . -4.41 -17.45 -4.58
O2 GOL M . -5.23 -16.56 -5.34
C3 GOL M . -3.96 -18.58 -5.49
O3 GOL M . -4.82 -19.72 -5.36
C1 GOL N . -10.31 -1.61 -21.32
O1 GOL N . -10.74 -0.58 -22.21
C2 GOL N . -10.37 -1.17 -19.88
O2 GOL N . -11.70 -1.32 -19.38
C3 GOL N . -9.39 -1.87 -18.98
O3 GOL N . -8.77 -0.96 -18.07
S SO4 O . -4.22 20.07 -7.82
O1 SO4 O . -3.89 18.83 -8.47
O2 SO4 O . -3.03 20.84 -7.63
O3 SO4 O . -5.14 20.81 -8.65
O4 SO4 O . -4.82 19.80 -6.55
S SO4 P . 18.26 3.43 2.08
O1 SO4 P . 19.28 3.69 3.06
O2 SO4 P . 18.87 3.21 0.80
O3 SO4 P . 17.40 4.55 2.01
O4 SO4 P . 17.51 2.28 2.46
S SO4 Q . -6.12 15.95 7.06
O1 SO4 Q . -6.53 15.21 5.90
O2 SO4 Q . -4.90 16.63 6.80
O3 SO4 Q . -7.13 16.92 7.37
O4 SO4 Q . -5.95 15.07 8.17
#